data_1QPK
#
_entry.id   1QPK
#
_cell.length_a   63.210
_cell.length_b   167.500
_cell.length_c   46.720
_cell.angle_alpha   90.00
_cell.angle_beta   90.00
_cell.angle_gamma   90.00
#
_symmetry.space_group_name_H-M   'P 21 21 21'
#
loop_
_entity.id
_entity.type
_entity.pdbx_description
1 polymer 'PROTEIN (MALTOTETRAOSE-FORMING AMYLASE)'
2 branched alpha-D-glucopyranose-(1-4)-alpha-D-glucopyranose-(1-4)-alpha-D-glucopyranose-(1-4)-alpha-D-glucopyranose
3 non-polymer 'CALCIUM ION'
4 water water
#
_entity_poly.entity_id   1
_entity_poly.type   'polypeptide(L)'
_entity_poly.pdbx_seq_one_letter_code
;DQAGKSPNAVRYHGGDEIILQGFHWNVVREAPNDWYNILRQQAATIAADGFSAIWMPVPWRDFSSWSDGSKSGGGEGYFW
HDFNKNGRYGSDAQLRQAASALGGAGVKVLYDVVPNHMNRGYPDKEINLPAGQGFWRNDCADPGNYPNDCDDGDRFIGGD
ADLNTGHPQVYGMFRDEFTNLRSQYGAGGFRFGFVRGYAPERVNSWMTDSADNSFCVGELWKGPSEYPNWDWRNTASWQQ
IIKDWSDRAKCPVFDFALKERMQNGSIADWKHGLNGNPDPRWREVAVTFVDNHDTGYSPGQNGGQHHWALQDGLIRQAYA
YILTSPGTPVVYWDHMYDWGYGDFIRQLIQVRRAAGVRADSAISFHSGYSGLVATVSGSQQTLVVALNSDLGNPGQVASG
SFSEAVNASNGQVRVWRS
;
_entity_poly.pdbx_strand_id   A
#
loop_
_chem_comp.id
_chem_comp.type
_chem_comp.name
_chem_comp.formula
CA non-polymer 'CALCIUM ION' 'Ca 2'
GLC D-saccharide, alpha linking alpha-D-glucopyranose 'C6 H12 O6'
#
# COMPACT_ATOMS: atom_id res chain seq x y z
N ASP A 1 -0.51 19.59 6.55
CA ASP A 1 -0.56 18.76 5.35
C ASP A 1 -0.45 19.54 4.03
N GLN A 2 0.59 19.18 3.31
CA GLN A 2 0.91 19.70 1.96
C GLN A 2 0.00 18.90 1.00
N ALA A 3 -0.65 19.55 0.04
CA ALA A 3 -1.59 18.85 -0.84
C ALA A 3 -1.41 18.75 -2.31
N GLY A 4 -0.31 19.03 -2.98
CA GLY A 4 -0.31 18.91 -4.44
C GLY A 4 0.16 17.64 -5.08
N LYS A 5 0.22 17.67 -6.42
CA LYS A 5 0.71 16.59 -7.27
C LYS A 5 2.22 16.80 -7.43
N SER A 6 2.93 15.78 -7.84
CA SER A 6 4.37 15.88 -8.03
C SER A 6 4.62 16.69 -9.30
N PRO A 7 5.86 16.95 -9.60
CA PRO A 7 6.28 17.66 -10.81
C PRO A 7 5.83 16.90 -12.06
N ASN A 8 5.68 15.58 -11.95
CA ASN A 8 5.23 14.77 -13.08
C ASN A 8 3.72 14.53 -12.97
N ALA A 9 3.06 15.25 -12.13
CA ALA A 9 1.63 15.17 -11.87
C ALA A 9 1.20 13.87 -11.22
N VAL A 10 2.07 13.23 -10.49
CA VAL A 10 1.72 11.96 -9.78
C VAL A 10 1.00 12.40 -8.51
N ARG A 11 -0.11 11.76 -8.12
CA ARG A 11 -0.93 12.14 -6.97
C ARG A 11 -0.42 11.69 -5.62
N TYR A 12 0.68 12.25 -5.14
CA TYR A 12 1.32 11.88 -3.88
C TYR A 12 0.94 12.77 -2.73
N HIS A 13 -0.09 13.57 -2.98
CA HIS A 13 -0.64 14.50 -2.00
C HIS A 13 0.40 15.15 -1.12
N GLY A 14 1.20 16.03 -1.68
CA GLY A 14 2.23 16.79 -0.99
C GLY A 14 3.49 15.98 -0.72
N GLY A 15 3.48 14.67 -0.80
CA GLY A 15 4.68 13.84 -0.52
C GLY A 15 4.98 13.76 0.98
N ASP A 16 4.00 14.16 1.79
CA ASP A 16 4.20 14.15 3.23
C ASP A 16 3.32 13.18 4.00
N GLU A 17 2.70 12.24 3.36
CA GLU A 17 1.84 11.29 4.11
C GLU A 17 2.62 10.19 4.85
N ILE A 18 1.98 9.72 5.91
CA ILE A 18 2.45 8.63 6.75
C ILE A 18 1.18 7.77 6.92
N ILE A 19 1.12 6.67 6.23
CA ILE A 19 -0.09 5.82 6.27
C ILE A 19 -0.07 4.59 7.15
N LEU A 20 -1.23 4.30 7.68
CA LEU A 20 -1.43 3.08 8.50
C LEU A 20 -2.30 2.13 7.67
N GLN A 21 -1.89 0.90 7.53
CA GLN A 21 -2.75 -0.10 6.88
C GLN A 21 -3.72 -0.47 8.01
N GLY A 22 -4.96 -0.03 7.93
CA GLY A 22 -5.96 -0.19 8.96
C GLY A 22 -6.65 -1.50 9.19
N PHE A 23 -6.04 -2.62 8.87
CA PHE A 23 -6.64 -3.95 9.02
C PHE A 23 -5.58 -5.04 8.81
N HIS A 24 -5.98 -6.26 9.17
CA HIS A 24 -5.12 -7.44 8.96
C HIS A 24 -5.99 -8.48 8.25
N TRP A 25 -5.46 -9.54 7.72
CA TRP A 25 -6.18 -10.55 6.98
C TRP A 25 -7.37 -11.19 7.69
N ASN A 26 -7.20 -11.51 8.97
CA ASN A 26 -8.20 -12.18 9.77
C ASN A 26 -9.18 -11.30 10.51
N VAL A 27 -9.26 -10.00 10.34
CA VAL A 27 -10.20 -9.14 11.04
C VAL A 27 -11.66 -9.64 10.96
N VAL A 28 -12.19 -10.07 9.85
CA VAL A 28 -13.57 -10.52 9.69
C VAL A 28 -13.88 -11.77 10.53
N ARG A 29 -12.87 -12.53 10.87
CA ARG A 29 -12.97 -13.73 11.67
C ARG A 29 -12.72 -13.49 13.17
N GLU A 30 -11.82 -12.58 13.48
CA GLU A 30 -11.38 -12.14 14.80
C GLU A 30 -12.33 -11.18 15.45
N ALA A 31 -12.92 -10.24 14.76
CA ALA A 31 -13.88 -9.27 15.28
C ALA A 31 -14.99 -9.09 14.24
N PRO A 32 -15.76 -10.14 14.05
CA PRO A 32 -16.85 -10.15 13.08
C PRO A 32 -17.82 -9.01 13.38
N ASN A 33 -18.15 -8.31 12.31
CA ASN A 33 -19.01 -7.15 12.24
C ASN A 33 -18.63 -6.06 13.23
N ASP A 34 -17.42 -6.09 13.76
CA ASP A 34 -17.10 -5.06 14.75
C ASP A 34 -15.96 -4.15 14.37
N TRP A 35 -15.32 -4.34 13.25
CA TRP A 35 -14.15 -3.56 12.87
C TRP A 35 -14.30 -2.07 12.84
N TYR A 36 -15.34 -1.55 12.22
CA TYR A 36 -15.58 -0.10 12.17
C TYR A 36 -15.82 0.47 13.54
N ASN A 37 -16.40 -0.28 14.47
CA ASN A 37 -16.64 0.23 15.84
C ASN A 37 -15.26 0.38 16.51
N ILE A 38 -14.41 -0.58 16.26
CA ILE A 38 -13.04 -0.60 16.80
C ILE A 38 -12.25 0.59 16.27
N LEU A 39 -12.28 0.79 14.97
CA LEU A 39 -11.57 1.93 14.35
C LEU A 39 -12.12 3.26 14.85
N ARG A 40 -13.43 3.34 14.97
CA ARG A 40 -14.09 4.57 15.43
C ARG A 40 -13.52 4.92 16.82
N GLN A 41 -13.41 3.87 17.61
CA GLN A 41 -12.89 3.92 18.96
C GLN A 41 -11.41 4.26 19.00
N GLN A 42 -10.62 3.81 18.05
CA GLN A 42 -9.20 4.08 17.95
C GLN A 42 -8.79 5.35 17.22
N ALA A 43 -9.65 6.08 16.57
CA ALA A 43 -9.38 7.27 15.79
C ALA A 43 -8.42 8.27 16.41
N ALA A 44 -8.69 8.66 17.64
CA ALA A 44 -7.87 9.62 18.37
C ALA A 44 -6.45 9.11 18.56
N THR A 45 -6.32 7.82 18.82
CA THR A 45 -5.04 7.13 19.02
C THR A 45 -4.26 7.11 17.70
N ILE A 46 -4.96 6.69 16.67
CA ILE A 46 -4.30 6.64 15.35
C ILE A 46 -3.75 8.03 15.07
N ALA A 47 -4.57 9.05 15.22
CA ALA A 47 -4.16 10.44 14.96
C ALA A 47 -3.05 10.84 15.91
N ALA A 48 -3.15 10.47 17.17
CA ALA A 48 -2.08 10.80 18.11
C ALA A 48 -0.80 10.08 17.72
N ASP A 49 -0.80 8.90 17.19
CA ASP A 49 0.41 8.15 16.81
C ASP A 49 1.20 8.81 15.72
N GLY A 50 0.56 9.76 15.04
CA GLY A 50 1.20 10.48 13.95
C GLY A 50 0.82 10.15 12.54
N PHE A 51 -0.17 9.29 12.31
CA PHE A 51 -0.62 8.90 10.94
C PHE A 51 -1.45 10.02 10.34
N SER A 52 -1.17 10.30 9.08
CA SER A 52 -1.87 11.31 8.29
C SER A 52 -2.99 10.69 7.49
N ALA A 53 -2.91 9.39 7.29
CA ALA A 53 -3.88 8.63 6.52
C ALA A 53 -3.90 7.16 6.97
N ILE A 54 -5.08 6.60 6.77
CA ILE A 54 -5.45 5.22 7.01
C ILE A 54 -6.01 4.53 5.77
N TRP A 55 -5.48 3.33 5.50
CA TRP A 55 -5.94 2.44 4.44
C TRP A 55 -6.98 1.50 5.04
N MET A 56 -8.23 1.75 4.65
CA MET A 56 -9.41 0.98 5.05
C MET A 56 -9.57 -0.22 4.10
N PRO A 57 -10.20 -1.24 4.66
CA PRO A 57 -10.48 -2.47 3.91
C PRO A 57 -11.47 -2.16 2.80
N VAL A 58 -11.72 -3.10 1.89
CA VAL A 58 -12.73 -2.84 0.83
C VAL A 58 -14.08 -2.67 1.54
N PRO A 59 -14.78 -1.58 1.25
CA PRO A 59 -16.08 -1.33 1.84
C PRO A 59 -17.23 -2.14 1.25
N TRP A 60 -17.09 -2.70 0.06
CA TRP A 60 -18.12 -3.43 -0.67
C TRP A 60 -18.30 -4.78 0.00
N ARG A 61 -19.53 -5.21 0.21
CA ARG A 61 -19.79 -6.47 0.93
C ARG A 61 -19.32 -7.70 0.19
N ASP A 62 -18.72 -8.58 0.96
CA ASP A 62 -18.15 -9.87 0.54
C ASP A 62 -18.58 -10.97 1.51
N PHE A 63 -19.33 -11.88 0.93
CA PHE A 63 -19.87 -13.05 1.65
C PHE A 63 -19.28 -14.31 1.03
N SER A 64 -18.18 -14.18 0.32
CA SER A 64 -17.55 -15.33 -0.34
C SER A 64 -17.00 -16.29 0.73
N SER A 65 -16.63 -17.45 0.21
CA SER A 65 -16.10 -18.55 1.01
C SER A 65 -15.33 -19.57 0.19
N TRP A 66 -14.18 -19.99 0.69
CA TRP A 66 -13.33 -20.95 0.00
C TRP A 66 -12.64 -21.82 1.05
N SER A 67 -12.29 -23.01 0.56
CA SER A 67 -11.58 -23.98 1.42
C SER A 67 -10.62 -24.75 0.51
N ASP A 68 -9.41 -24.75 0.98
CA ASP A 68 -8.26 -25.38 0.29
C ASP A 68 -7.56 -26.20 1.37
N GLY A 69 -8.31 -27.27 1.71
CA GLY A 69 -7.93 -28.25 2.71
C GLY A 69 -7.74 -27.58 4.05
N SER A 70 -6.49 -27.29 4.36
CA SER A 70 -6.13 -26.62 5.63
C SER A 70 -6.54 -25.17 5.68
N LYS A 71 -6.20 -24.49 4.57
CA LYS A 71 -6.50 -23.06 4.45
C LYS A 71 -7.98 -22.88 4.07
N SER A 72 -8.50 -21.75 4.47
CA SER A 72 -9.89 -21.33 4.15
C SER A 72 -9.90 -19.80 4.28
N GLY A 73 -10.87 -19.15 3.66
CA GLY A 73 -10.93 -17.65 3.74
C GLY A 73 -12.25 -17.21 3.12
N GLY A 74 -12.41 -15.94 2.95
CA GLY A 74 -13.63 -15.35 2.40
C GLY A 74 -14.11 -14.24 3.32
N GLY A 75 -14.82 -13.32 2.73
CA GLY A 75 -15.42 -12.16 3.39
C GLY A 75 -14.53 -10.99 3.63
N GLU A 76 -13.27 -11.13 3.26
CA GLU A 76 -12.28 -10.06 3.47
C GLU A 76 -12.48 -8.81 2.63
N GLY A 77 -13.17 -8.84 1.51
CA GLY A 77 -13.44 -7.70 0.64
C GLY A 77 -13.08 -7.83 -0.82
N TYR A 78 -12.11 -8.67 -1.12
CA TYR A 78 -11.56 -8.95 -2.43
C TYR A 78 -12.37 -9.83 -3.34
N PHE A 79 -13.48 -10.33 -2.86
CA PHE A 79 -14.38 -11.12 -3.73
C PHE A 79 -15.80 -10.59 -3.50
N TRP A 80 -15.95 -9.29 -3.56
CA TRP A 80 -17.22 -8.58 -3.33
C TRP A 80 -18.28 -8.89 -4.37
N HIS A 81 -19.57 -8.79 -3.99
CA HIS A 81 -20.64 -9.08 -5.01
C HIS A 81 -21.47 -7.85 -5.36
N ASP A 82 -21.34 -6.87 -4.51
CA ASP A 82 -21.92 -5.60 -4.38
C ASP A 82 -21.21 -4.38 -3.86
N PHE A 83 -21.90 -3.25 -4.02
CA PHE A 83 -21.37 -1.98 -3.46
C PHE A 83 -22.01 -1.72 -2.10
N ASN A 84 -22.96 -2.57 -1.73
CA ASN A 84 -23.67 -2.43 -0.43
C ASN A 84 -22.61 -2.46 0.67
N LYS A 85 -22.66 -1.56 1.61
CA LYS A 85 -21.68 -1.42 2.69
C LYS A 85 -21.92 -2.24 3.93
N ASN A 86 -22.94 -3.08 3.91
CA ASN A 86 -23.23 -3.94 5.09
C ASN A 86 -22.58 -5.31 4.89
N GLY A 87 -21.31 -5.37 5.21
CA GLY A 87 -20.50 -6.58 5.03
C GLY A 87 -19.92 -7.01 6.37
N ARG A 88 -18.91 -7.85 6.31
CA ARG A 88 -18.29 -8.39 7.48
C ARG A 88 -17.48 -7.48 8.37
N TYR A 89 -17.26 -6.22 8.01
CA TYR A 89 -16.46 -5.35 8.88
C TYR A 89 -17.40 -4.44 9.70
N GLY A 90 -18.68 -4.41 9.33
CA GLY A 90 -19.60 -3.55 10.10
C GLY A 90 -20.72 -3.09 9.18
N SER A 91 -21.64 -2.32 9.68
CA SER A 91 -22.73 -1.87 8.79
C SER A 91 -22.34 -0.58 8.07
N ASP A 92 -23.27 -0.15 7.25
CA ASP A 92 -23.16 1.08 6.48
C ASP A 92 -23.06 2.25 7.46
N ALA A 93 -23.96 2.23 8.43
CA ALA A 93 -23.99 3.28 9.46
C ALA A 93 -22.69 3.29 10.25
N GLN A 94 -22.14 2.15 10.63
CA GLN A 94 -20.87 2.14 11.39
C GLN A 94 -19.69 2.66 10.57
N LEU A 95 -19.64 2.35 9.31
CA LEU A 95 -18.62 2.79 8.36
C LEU A 95 -18.60 4.32 8.35
N ARG A 96 -19.78 4.90 8.19
CA ARG A 96 -19.94 6.36 8.15
C ARG A 96 -19.45 6.95 9.45
N GLN A 97 -19.78 6.34 10.57
CA GLN A 97 -19.34 6.81 11.91
C GLN A 97 -17.81 6.67 12.04
N ALA A 98 -17.20 5.60 11.62
CA ALA A 98 -15.75 5.43 11.63
C ALA A 98 -15.05 6.46 10.75
N ALA A 99 -15.47 6.59 9.49
CA ALA A 99 -14.89 7.52 8.53
C ALA A 99 -14.98 8.93 9.08
N SER A 100 -16.11 9.23 9.68
CA SER A 100 -16.32 10.56 10.26
C SER A 100 -15.42 10.87 11.43
N ALA A 101 -15.20 9.84 12.25
CA ALA A 101 -14.31 10.00 13.43
C ALA A 101 -12.87 10.15 12.96
N LEU A 102 -12.44 9.33 12.01
CA LEU A 102 -11.06 9.39 11.51
C LEU A 102 -10.82 10.75 10.91
N GLY A 103 -11.68 11.08 9.98
CA GLY A 103 -11.59 12.39 9.28
C GLY A 103 -11.55 13.50 10.31
N GLY A 104 -12.47 13.43 11.27
CA GLY A 104 -12.54 14.43 12.35
C GLY A 104 -11.26 14.60 13.14
N ALA A 105 -10.48 13.53 13.27
CA ALA A 105 -9.20 13.51 13.99
C ALA A 105 -8.07 13.96 13.08
N GLY A 106 -8.41 14.17 11.81
CA GLY A 106 -7.49 14.64 10.78
C GLY A 106 -6.74 13.50 10.09
N VAL A 107 -7.35 12.32 10.07
CA VAL A 107 -6.66 11.17 9.39
C VAL A 107 -7.43 10.99 8.09
N LYS A 108 -6.84 11.12 6.94
CA LYS A 108 -7.55 10.92 5.66
C LYS A 108 -7.92 9.43 5.51
N VAL A 109 -9.10 9.17 4.97
CA VAL A 109 -9.53 7.77 4.80
C VAL A 109 -9.35 7.38 3.33
N LEU A 110 -8.53 6.36 3.11
CA LEU A 110 -8.26 5.85 1.76
C LEU A 110 -8.98 4.51 1.71
N TYR A 111 -9.78 4.30 0.66
CA TYR A 111 -10.53 3.03 0.54
C TYR A 111 -9.84 2.06 -0.42
N ASP A 112 -9.83 0.83 -0.01
CA ASP A 112 -9.27 -0.27 -0.85
C ASP A 112 -10.36 -0.64 -1.88
N VAL A 113 -10.05 -0.50 -3.16
CA VAL A 113 -10.97 -0.76 -4.27
C VAL A 113 -10.34 -1.78 -5.21
N VAL A 114 -11.20 -2.68 -5.63
CA VAL A 114 -10.95 -3.85 -6.46
C VAL A 114 -11.75 -3.83 -7.75
N PRO A 115 -11.34 -3.12 -8.77
CA PRO A 115 -12.09 -3.09 -10.01
C PRO A 115 -11.97 -4.31 -10.90
N ASN A 116 -10.95 -5.13 -10.77
CA ASN A 116 -10.69 -6.27 -11.61
C ASN A 116 -11.80 -7.29 -11.81
N HIS A 117 -12.37 -7.74 -10.71
CA HIS A 117 -13.37 -8.79 -10.70
C HIS A 117 -14.38 -8.60 -9.58
N MET A 118 -15.41 -9.45 -9.61
CA MET A 118 -16.48 -9.44 -8.61
C MET A 118 -17.02 -10.88 -8.45
N ASN A 119 -17.69 -11.13 -7.33
CA ASN A 119 -18.30 -12.46 -7.04
C ASN A 119 -19.58 -12.59 -7.91
N ARG A 120 -19.30 -13.00 -9.12
CA ARG A 120 -20.13 -13.26 -10.27
C ARG A 120 -21.31 -14.20 -9.99
N GLY A 121 -21.02 -15.33 -9.35
CA GLY A 121 -21.97 -16.35 -8.94
C GLY A 121 -22.82 -15.99 -7.75
N TYR A 122 -22.52 -14.95 -7.01
CA TYR A 122 -23.28 -14.58 -5.83
C TYR A 122 -24.77 -14.47 -6.18
N PRO A 123 -25.54 -15.31 -5.50
CA PRO A 123 -26.98 -15.42 -5.72
C PRO A 123 -27.77 -14.18 -5.47
N ASP A 124 -27.57 -13.52 -4.35
CA ASP A 124 -28.36 -12.30 -4.05
C ASP A 124 -27.45 -11.10 -4.06
N LYS A 125 -27.42 -10.35 -5.14
CA LYS A 125 -26.51 -9.18 -5.17
C LYS A 125 -27.27 -8.09 -5.90
N GLU A 126 -26.87 -6.86 -5.72
CA GLU A 126 -27.57 -5.75 -6.39
C GLU A 126 -26.97 -5.44 -7.75
N ILE A 127 -25.88 -6.13 -8.09
CA ILE A 127 -25.23 -5.87 -9.38
C ILE A 127 -25.27 -7.15 -10.22
N ASN A 128 -26.07 -7.10 -11.27
CA ASN A 128 -26.20 -8.28 -12.20
C ASN A 128 -25.91 -7.90 -13.65
N LEU A 129 -24.75 -8.26 -14.14
CA LEU A 129 -24.26 -8.02 -15.49
C LEU A 129 -24.36 -9.38 -16.20
N PRO A 130 -25.22 -9.39 -17.20
CA PRO A 130 -25.43 -10.61 -17.97
C PRO A 130 -24.20 -10.80 -18.87
N ALA A 131 -24.20 -11.99 -19.41
CA ALA A 131 -23.18 -12.44 -20.33
C ALA A 131 -23.71 -12.01 -21.72
N GLY A 132 -22.83 -12.07 -22.68
CA GLY A 132 -23.09 -11.72 -24.06
C GLY A 132 -23.21 -10.25 -24.37
N GLN A 133 -22.70 -9.36 -23.50
CA GLN A 133 -22.77 -7.93 -23.76
C GLN A 133 -21.40 -7.27 -23.66
N GLY A 134 -20.36 -8.06 -23.48
CA GLY A 134 -18.97 -7.58 -23.37
C GLY A 134 -18.68 -6.97 -22.01
N PHE A 135 -19.49 -7.28 -21.02
CA PHE A 135 -19.28 -6.79 -19.67
C PHE A 135 -18.20 -7.66 -18.97
N TRP A 136 -17.97 -8.84 -19.48
CA TRP A 136 -17.04 -9.76 -18.82
C TRP A 136 -15.86 -10.14 -19.64
N ARG A 137 -14.74 -10.44 -19.03
CA ARG A 137 -13.54 -10.86 -19.81
C ARG A 137 -13.84 -12.10 -20.65
N ASN A 138 -14.53 -13.08 -20.06
CA ASN A 138 -14.87 -14.33 -20.72
C ASN A 138 -15.98 -14.16 -21.76
N ASP A 139 -16.37 -12.94 -22.04
CA ASP A 139 -17.37 -12.69 -23.10
C ASP A 139 -16.63 -12.88 -24.45
N CYS A 140 -15.31 -12.81 -24.42
CA CYS A 140 -14.39 -12.91 -25.55
C CYS A 140 -13.51 -14.17 -25.36
N ALA A 141 -12.82 -14.52 -26.43
CA ALA A 141 -11.90 -15.65 -26.38
C ALA A 141 -10.78 -15.25 -25.39
N ASP A 142 -10.46 -16.21 -24.54
CA ASP A 142 -9.41 -16.01 -23.51
C ASP A 142 -8.39 -17.12 -23.65
N PRO A 143 -7.34 -16.85 -24.39
CA PRO A 143 -6.24 -17.80 -24.62
C PRO A 143 -5.54 -18.17 -23.32
N GLY A 144 -5.10 -17.15 -22.58
CA GLY A 144 -4.43 -17.43 -21.28
C GLY A 144 -4.46 -16.13 -20.46
N ASN A 145 -3.47 -16.04 -19.58
CA ASN A 145 -3.33 -14.88 -18.73
C ASN A 145 -2.52 -13.73 -19.34
N TYR A 146 -3.15 -13.00 -20.18
CA TYR A 146 -2.75 -11.82 -20.93
C TYR A 146 -4.10 -11.20 -21.35
N PRO A 147 -3.99 -9.94 -21.72
CA PRO A 147 -5.16 -9.18 -22.15
C PRO A 147 -5.83 -9.84 -23.35
N ASN A 148 -7.14 -9.73 -23.40
CA ASN A 148 -7.94 -10.29 -24.53
C ASN A 148 -8.81 -9.11 -24.96
N ASP A 149 -9.79 -9.30 -25.79
CA ASP A 149 -10.65 -8.22 -26.29
C ASP A 149 -11.60 -7.62 -25.27
N CYS A 150 -11.89 -8.36 -24.22
CA CYS A 150 -12.84 -7.93 -23.18
C CYS A 150 -12.17 -7.58 -21.88
N ASP A 151 -10.85 -7.51 -21.91
CA ASP A 151 -10.08 -7.24 -20.70
C ASP A 151 -8.63 -6.95 -21.09
N ASP A 152 -8.30 -5.67 -20.94
CA ASP A 152 -6.95 -5.18 -21.24
C ASP A 152 -5.89 -5.36 -20.17
N GLY A 153 -5.97 -6.37 -19.33
CA GLY A 153 -4.92 -6.62 -18.30
C GLY A 153 -5.00 -8.12 -18.02
N ASP A 154 -4.31 -8.59 -17.02
CA ASP A 154 -4.31 -9.99 -16.62
C ASP A 154 -5.68 -10.34 -16.06
N ARG A 155 -5.80 -11.62 -15.76
CA ARG A 155 -7.03 -12.16 -15.17
C ARG A 155 -6.70 -12.72 -13.77
N PHE A 156 -7.77 -12.82 -13.01
CA PHE A 156 -7.68 -13.34 -11.64
C PHE A 156 -8.03 -14.83 -11.72
N ILE A 157 -6.95 -15.61 -11.54
CA ILE A 157 -7.03 -17.08 -11.55
C ILE A 157 -7.59 -17.52 -12.88
N GLY A 158 -8.76 -18.08 -12.86
CA GLY A 158 -9.47 -18.55 -14.06
C GLY A 158 -9.95 -17.45 -14.99
N GLY A 159 -10.10 -16.23 -14.50
CA GLY A 159 -10.50 -15.09 -15.34
C GLY A 159 -12.01 -15.07 -15.53
N ASP A 160 -12.67 -16.05 -14.92
CA ASP A 160 -14.14 -16.15 -15.07
C ASP A 160 -14.90 -15.08 -14.29
N ALA A 161 -14.24 -14.38 -13.38
CA ALA A 161 -14.93 -13.35 -12.61
C ALA A 161 -14.45 -11.98 -13.06
N ASP A 162 -13.51 -11.90 -13.99
CA ASP A 162 -12.97 -10.66 -14.53
C ASP A 162 -13.97 -9.86 -15.40
N LEU A 163 -14.10 -8.62 -14.99
CA LEU A 163 -14.92 -7.61 -15.61
C LEU A 163 -14.14 -6.89 -16.74
N ASN A 164 -14.91 -6.44 -17.71
CA ASN A 164 -14.37 -5.61 -18.82
C ASN A 164 -14.44 -4.18 -18.23
N THR A 165 -13.43 -3.78 -17.50
CA THR A 165 -13.32 -2.49 -16.83
C THR A 165 -13.40 -1.32 -17.80
N GLY A 166 -13.01 -1.55 -19.03
CA GLY A 166 -13.01 -0.65 -20.16
C GLY A 166 -14.38 -0.49 -20.81
N HIS A 167 -15.31 -1.40 -20.53
CA HIS A 167 -16.67 -1.29 -21.09
C HIS A 167 -17.23 -0.01 -20.48
N PRO A 168 -17.82 0.83 -21.32
CA PRO A 168 -18.38 2.12 -20.89
C PRO A 168 -19.30 2.05 -19.70
N GLN A 169 -20.05 0.99 -19.58
CA GLN A 169 -21.00 0.77 -18.49
C GLN A 169 -20.26 0.33 -17.24
N VAL A 170 -19.23 -0.48 -17.38
CA VAL A 170 -18.43 -0.90 -16.23
C VAL A 170 -17.56 0.27 -15.73
N TYR A 171 -16.93 0.97 -16.63
CA TYR A 171 -16.13 2.11 -16.24
C TYR A 171 -16.97 3.07 -15.41
N GLY A 172 -18.14 3.36 -15.90
CA GLY A 172 -19.08 4.31 -15.36
C GLY A 172 -19.51 3.97 -13.94
N MET A 173 -19.85 2.72 -13.79
CA MET A 173 -20.31 2.10 -12.57
C MET A 173 -19.27 2.35 -11.48
N PHE A 174 -18.05 1.95 -11.75
CA PHE A 174 -16.94 2.17 -10.80
C PHE A 174 -16.76 3.65 -10.52
N ARG A 175 -16.73 4.44 -11.58
CA ARG A 175 -16.57 5.88 -11.54
C ARG A 175 -17.60 6.54 -10.64
N ASP A 176 -18.85 6.13 -10.70
CA ASP A 176 -19.88 6.72 -9.82
C ASP A 176 -19.74 6.28 -8.34
N GLU A 177 -19.22 5.08 -8.11
CA GLU A 177 -19.04 4.54 -6.77
C GLU A 177 -17.86 5.24 -6.11
N PHE A 178 -16.88 5.63 -6.90
CA PHE A 178 -15.70 6.32 -6.36
C PHE A 178 -16.16 7.69 -5.88
N THR A 179 -17.04 8.24 -6.71
CA THR A 179 -17.60 9.58 -6.42
C THR A 179 -18.42 9.47 -5.15
N ASN A 180 -19.14 8.40 -5.06
CA ASN A 180 -19.98 8.08 -3.88
C ASN A 180 -19.13 7.97 -2.62
N LEU A 181 -18.04 7.20 -2.74
CA LEU A 181 -17.14 7.04 -1.59
C LEU A 181 -16.64 8.39 -1.14
N ARG A 182 -16.35 9.26 -2.09
CA ARG A 182 -15.85 10.60 -1.78
C ARG A 182 -16.90 11.51 -1.17
N SER A 183 -18.12 11.48 -1.65
CA SER A 183 -19.16 12.38 -1.11
C SER A 183 -19.94 11.86 0.07
N GLN A 184 -20.05 10.56 0.24
CA GLN A 184 -20.83 10.05 1.35
C GLN A 184 -20.07 9.31 2.41
N TYR A 185 -18.87 8.89 2.10
CA TYR A 185 -18.04 8.12 3.05
C TYR A 185 -16.70 8.73 3.36
N GLY A 186 -16.53 10.01 3.23
CA GLY A 186 -15.36 10.79 3.50
C GLY A 186 -14.09 10.26 2.89
N ALA A 187 -14.13 9.73 1.68
CA ALA A 187 -12.90 9.20 1.05
C ALA A 187 -11.96 10.35 0.69
N GLY A 188 -10.71 10.16 1.06
CA GLY A 188 -9.60 11.06 0.82
C GLY A 188 -8.62 10.45 -0.17
N GLY A 189 -9.00 9.37 -0.83
CA GLY A 189 -8.02 8.74 -1.77
C GLY A 189 -8.35 7.26 -1.88
N PHE A 190 -7.60 6.56 -2.70
CA PHE A 190 -7.88 5.15 -2.92
C PHE A 190 -6.60 4.34 -3.06
N ARG A 191 -6.74 3.08 -2.75
CA ARG A 191 -5.72 2.04 -2.89
C ARG A 191 -6.26 1.12 -3.98
N PHE A 192 -5.70 1.09 -5.16
CA PHE A 192 -6.10 0.26 -6.31
C PHE A 192 -5.36 -1.07 -6.24
N GLY A 193 -6.14 -2.13 -6.13
CA GLY A 193 -5.54 -3.45 -6.04
C GLY A 193 -5.53 -4.19 -7.36
N PHE A 194 -4.56 -5.07 -7.48
CA PHE A 194 -4.42 -5.97 -8.64
C PHE A 194 -4.39 -5.15 -9.91
N VAL A 195 -3.60 -4.11 -9.82
CA VAL A 195 -3.46 -3.19 -10.96
C VAL A 195 -2.97 -3.90 -12.20
N ARG A 196 -2.39 -5.09 -12.13
CA ARG A 196 -1.95 -5.80 -13.35
C ARG A 196 -3.20 -6.27 -14.14
N GLY A 197 -4.36 -6.19 -13.51
CA GLY A 197 -5.55 -6.68 -14.15
C GLY A 197 -6.24 -5.78 -15.14
N TYR A 198 -5.87 -4.56 -15.27
CA TYR A 198 -6.58 -3.62 -16.19
C TYR A 198 -5.56 -2.54 -16.48
N ALA A 199 -5.79 -1.69 -17.44
CA ALA A 199 -4.84 -0.64 -17.83
C ALA A 199 -4.60 0.46 -16.84
N PRO A 200 -3.33 0.90 -16.78
CA PRO A 200 -2.88 1.98 -15.90
C PRO A 200 -3.59 3.29 -16.15
N GLU A 201 -3.76 3.62 -17.41
CA GLU A 201 -4.40 4.81 -17.93
C GLU A 201 -5.82 4.90 -17.43
N ARG A 202 -6.46 3.77 -17.16
CA ARG A 202 -7.84 3.73 -16.67
C ARG A 202 -7.90 4.20 -15.22
N VAL A 203 -6.86 3.92 -14.45
CA VAL A 203 -6.78 4.40 -13.04
C VAL A 203 -6.67 5.93 -13.09
N ASN A 204 -5.86 6.42 -14.03
CA ASN A 204 -5.73 7.89 -14.12
C ASN A 204 -7.08 8.53 -14.47
N SER A 205 -7.85 7.91 -15.35
CA SER A 205 -9.17 8.42 -15.76
C SER A 205 -10.13 8.47 -14.59
N TRP A 206 -10.13 7.38 -13.86
CA TRP A 206 -10.98 7.28 -12.67
C TRP A 206 -10.56 8.36 -11.68
N MET A 207 -9.26 8.51 -11.48
CA MET A 207 -8.80 9.54 -10.52
C MET A 207 -9.22 10.91 -11.04
N THR A 208 -9.03 11.15 -12.33
CA THR A 208 -9.42 12.42 -12.97
C THR A 208 -10.91 12.72 -12.80
N ASP A 209 -11.78 11.77 -13.01
CA ASP A 209 -13.22 11.97 -12.94
C ASP A 209 -13.81 12.12 -11.53
N SER A 210 -13.30 11.37 -10.57
CA SER A 210 -13.77 11.30 -9.22
C SER A 210 -13.00 11.92 -8.11
N ALA A 211 -11.69 12.06 -8.21
CA ALA A 211 -10.91 12.55 -7.02
C ALA A 211 -9.50 12.90 -7.46
N ASP A 212 -9.45 13.89 -8.34
CA ASP A 212 -8.22 14.34 -8.96
C ASP A 212 -7.13 14.81 -8.05
N ASN A 213 -7.48 15.54 -7.03
CA ASN A 213 -6.41 16.05 -6.13
C ASN A 213 -6.21 15.14 -4.93
N SER A 214 -6.77 13.95 -4.94
CA SER A 214 -6.67 13.00 -3.82
C SER A 214 -5.38 12.20 -3.96
N PHE A 215 -5.09 11.40 -2.98
CA PHE A 215 -3.96 10.45 -2.92
C PHE A 215 -4.42 9.13 -3.56
N CYS A 216 -3.52 8.41 -4.20
CA CYS A 216 -3.89 7.07 -4.74
C CYS A 216 -2.62 6.24 -4.67
N VAL A 217 -2.75 4.93 -4.61
CA VAL A 217 -1.55 4.07 -4.56
C VAL A 217 -1.98 2.84 -5.34
N GLY A 218 -1.20 2.25 -6.17
CA GLY A 218 -1.66 1.05 -6.92
C GLY A 218 -0.76 -0.10 -6.50
N GLU A 219 -1.37 -1.27 -6.41
CA GLU A 219 -0.66 -2.49 -6.04
C GLU A 219 -0.29 -3.27 -7.30
N LEU A 220 0.97 -3.18 -7.68
CA LEU A 220 1.49 -3.88 -8.84
C LEU A 220 2.52 -4.88 -8.29
N TRP A 221 2.10 -6.10 -8.20
CA TRP A 221 2.93 -7.21 -7.69
C TRP A 221 3.05 -8.18 -8.87
N LYS A 222 4.13 -7.95 -9.61
CA LYS A 222 4.38 -8.76 -10.82
C LYS A 222 5.85 -8.62 -11.18
N GLY A 223 6.49 -9.76 -11.05
CA GLY A 223 7.92 -9.82 -11.34
C GLY A 223 8.18 -9.84 -12.84
N PRO A 224 9.43 -9.57 -13.17
CA PRO A 224 9.94 -9.55 -14.53
C PRO A 224 9.71 -10.86 -15.26
N SER A 225 9.90 -11.95 -14.53
CA SER A 225 9.77 -13.30 -15.04
C SER A 225 8.33 -13.61 -15.42
N GLU A 226 7.42 -12.77 -15.03
CA GLU A 226 6.01 -12.92 -15.34
C GLU A 226 5.58 -12.29 -16.63
N TYR A 227 6.44 -11.50 -17.25
CA TYR A 227 6.15 -10.82 -18.52
C TYR A 227 6.65 -11.73 -19.64
N PRO A 228 5.99 -11.66 -20.78
CA PRO A 228 6.40 -12.43 -21.98
C PRO A 228 7.87 -12.13 -22.25
N ASN A 229 8.58 -13.09 -22.80
CA ASN A 229 10.02 -13.04 -23.11
C ASN A 229 10.44 -11.95 -24.09
N TRP A 230 9.43 -11.51 -24.85
CA TRP A 230 9.60 -10.47 -25.85
C TRP A 230 9.34 -9.09 -25.26
N ASP A 231 8.74 -9.00 -24.09
CA ASP A 231 8.44 -7.72 -23.42
C ASP A 231 9.69 -7.17 -22.75
N TRP A 232 9.91 -5.88 -22.85
CA TRP A 232 11.06 -5.19 -22.26
C TRP A 232 11.10 -5.42 -20.74
N ARG A 233 9.90 -5.66 -20.18
CA ARG A 233 9.79 -5.90 -18.75
C ARG A 233 10.36 -7.22 -18.31
N ASN A 234 10.41 -8.15 -19.22
CA ASN A 234 10.95 -9.50 -18.88
C ASN A 234 12.39 -9.40 -18.44
N THR A 235 13.04 -8.32 -18.85
CA THR A 235 14.44 -8.07 -18.50
C THR A 235 14.68 -6.81 -17.70
N ALA A 236 13.64 -6.10 -17.34
CA ALA A 236 13.70 -4.86 -16.55
C ALA A 236 13.93 -5.25 -15.09
N SER A 237 14.14 -4.22 -14.30
CA SER A 237 14.32 -4.31 -12.85
C SER A 237 12.90 -4.17 -12.26
N TRP A 238 12.79 -4.53 -10.98
CA TRP A 238 11.44 -4.39 -10.35
C TRP A 238 11.11 -2.90 -10.36
N GLN A 239 12.07 -2.05 -10.11
CA GLN A 239 11.92 -0.60 -10.07
C GLN A 239 11.28 -0.01 -11.35
N GLN A 240 11.84 -0.46 -12.45
CA GLN A 240 11.44 -0.05 -13.79
C GLN A 240 9.98 -0.39 -14.06
N ILE A 241 9.63 -1.63 -13.72
CA ILE A 241 8.26 -2.11 -13.92
C ILE A 241 7.24 -1.30 -13.15
N ILE A 242 7.47 -1.04 -11.86
CA ILE A 242 6.55 -0.27 -11.03
C ILE A 242 6.55 1.18 -11.42
N LYS A 243 7.72 1.72 -11.74
CA LYS A 243 7.90 3.10 -12.16
C LYS A 243 7.05 3.38 -13.40
N ASP A 244 7.07 2.49 -14.35
CA ASP A 244 6.31 2.57 -15.59
C ASP A 244 4.81 2.65 -15.33
N TRP A 245 4.32 1.85 -14.41
CA TRP A 245 2.92 1.82 -14.04
C TRP A 245 2.58 3.20 -13.47
N SER A 246 3.39 3.67 -12.55
CA SER A 246 3.20 4.97 -11.90
C SER A 246 3.07 6.08 -12.92
N ASP A 247 3.94 6.02 -13.92
CA ASP A 247 3.97 7.01 -15.02
C ASP A 247 2.64 7.10 -15.75
N ARG A 248 2.05 5.95 -16.04
CA ARG A 248 0.76 5.88 -16.74
C ARG A 248 -0.48 6.12 -15.93
N ALA A 249 -0.52 5.70 -14.68
CA ALA A 249 -1.70 5.85 -13.84
C ALA A 249 -1.74 7.22 -13.17
N LYS A 250 -0.56 7.78 -13.06
CA LYS A 250 -0.34 9.07 -12.41
C LYS A 250 -0.55 8.91 -10.90
N CYS A 251 -0.29 7.73 -10.36
CA CYS A 251 -0.39 7.46 -8.94
C CYS A 251 0.91 6.84 -8.39
N PRO A 252 1.16 7.16 -7.13
CA PRO A 252 2.28 6.51 -6.41
C PRO A 252 2.07 4.99 -6.52
N VAL A 253 3.12 4.21 -6.28
CA VAL A 253 3.02 2.74 -6.43
C VAL A 253 3.67 2.06 -5.24
N PHE A 254 3.15 0.96 -4.75
CA PHE A 254 3.74 0.18 -3.65
C PHE A 254 5.11 -0.28 -4.17
N ASP A 255 6.07 -0.08 -3.29
CA ASP A 255 7.48 -0.43 -3.59
C ASP A 255 7.75 -1.89 -3.42
N PHE A 256 7.43 -2.76 -4.37
CA PHE A 256 7.67 -4.17 -4.39
C PHE A 256 9.14 -4.47 -4.72
N ALA A 257 9.85 -3.45 -5.20
CA ALA A 257 11.28 -3.54 -5.52
C ALA A 257 12.05 -3.52 -4.20
N LEU A 258 11.59 -2.72 -3.26
CA LEU A 258 12.17 -2.64 -1.91
C LEU A 258 11.81 -3.92 -1.13
N LYS A 259 10.57 -4.35 -1.19
CA LYS A 259 10.03 -5.58 -0.62
C LYS A 259 10.84 -6.78 -1.14
N GLU A 260 11.09 -6.87 -2.41
CA GLU A 260 11.90 -7.95 -3.00
C GLU A 260 13.32 -8.00 -2.45
N ARG A 261 14.01 -6.89 -2.28
CA ARG A 261 15.34 -6.81 -1.74
C ARG A 261 15.38 -7.19 -0.25
N MET A 262 14.38 -6.79 0.49
CA MET A 262 14.23 -7.11 1.93
C MET A 262 14.10 -8.63 2.14
N GLN A 263 13.46 -9.28 1.20
CA GLN A 263 13.22 -10.71 1.21
C GLN A 263 14.37 -11.52 0.63
N ASN A 264 14.89 -11.11 -0.53
CA ASN A 264 15.99 -11.84 -1.18
C ASN A 264 17.39 -11.29 -1.00
N GLY A 265 17.57 -10.04 -0.69
CA GLY A 265 18.90 -9.46 -0.58
C GLY A 265 19.34 -9.29 0.83
N SER A 266 20.52 -8.75 1.00
CA SER A 266 21.04 -8.47 2.37
C SER A 266 20.53 -7.04 2.66
N ILE A 267 20.76 -6.57 3.86
CA ILE A 267 20.33 -5.22 4.25
C ILE A 267 21.02 -4.15 3.45
N ALA A 268 22.25 -4.35 3.03
CA ALA A 268 22.97 -3.33 2.24
C ALA A 268 22.25 -3.09 0.93
N ASP A 269 21.59 -4.15 0.49
CA ASP A 269 20.85 -4.26 -0.74
C ASP A 269 19.53 -3.49 -0.76
N TRP A 270 19.12 -3.04 0.39
CA TRP A 270 17.85 -2.29 0.50
C TRP A 270 17.93 -1.00 -0.31
N LYS A 271 19.14 -0.55 -0.63
CA LYS A 271 19.33 0.67 -1.44
C LYS A 271 18.83 0.51 -2.86
N HIS A 272 18.41 -0.70 -3.20
CA HIS A 272 17.91 -0.97 -4.54
C HIS A 272 16.40 -0.95 -4.67
N GLY A 273 15.73 -0.43 -3.67
CA GLY A 273 14.25 -0.30 -3.79
C GLY A 273 14.02 0.99 -4.58
N LEU A 274 12.81 1.28 -4.99
CA LEU A 274 12.47 2.50 -5.72
C LEU A 274 12.75 3.75 -4.89
N ASN A 275 12.50 3.69 -3.59
CA ASN A 275 12.64 4.83 -2.70
C ASN A 275 14.09 5.24 -2.54
N GLY A 276 15.04 4.40 -3.00
CA GLY A 276 16.47 4.72 -2.90
C GLY A 276 17.05 5.35 -4.15
N ASN A 277 16.27 5.41 -5.23
CA ASN A 277 16.61 5.95 -6.52
C ASN A 277 17.10 7.40 -6.39
N PRO A 278 18.24 7.64 -7.01
CA PRO A 278 18.85 8.99 -6.99
C PRO A 278 18.05 10.06 -7.70
N ASP A 279 17.19 9.65 -8.63
CA ASP A 279 16.33 10.59 -9.39
C ASP A 279 15.10 10.82 -8.51
N PRO A 280 14.87 12.05 -8.13
CA PRO A 280 13.75 12.37 -7.25
C PRO A 280 12.43 11.91 -7.82
N ARG A 281 12.31 11.95 -9.14
CA ARG A 281 11.13 11.60 -9.90
C ARG A 281 10.78 10.12 -9.77
N TRP A 282 11.80 9.36 -9.43
CA TRP A 282 11.66 7.93 -9.21
C TRP A 282 11.33 7.66 -7.76
N ARG A 283 12.10 8.14 -6.83
CA ARG A 283 11.83 7.84 -5.41
C ARG A 283 10.58 8.42 -4.81
N GLU A 284 10.11 9.58 -5.27
CA GLU A 284 8.92 10.21 -4.69
C GLU A 284 7.63 9.51 -4.98
N VAL A 285 7.61 8.49 -5.84
CA VAL A 285 6.34 7.80 -6.17
C VAL A 285 6.26 6.44 -5.50
N ALA A 286 7.26 6.13 -4.70
CA ALA A 286 7.31 4.84 -4.00
C ALA A 286 6.53 4.92 -2.71
N VAL A 287 5.73 3.92 -2.41
CA VAL A 287 4.94 3.83 -1.16
C VAL A 287 5.59 2.59 -0.50
N THR A 288 6.44 2.82 0.48
CA THR A 288 7.20 1.75 1.13
C THR A 288 6.44 1.00 2.21
N PHE A 289 6.80 -0.27 2.45
CA PHE A 289 6.06 -1.05 3.48
C PHE A 289 6.97 -2.18 3.94
N VAL A 290 6.68 -2.79 5.11
CA VAL A 290 7.44 -3.94 5.60
C VAL A 290 6.66 -5.20 5.28
N ASP A 291 5.39 -5.23 5.52
CA ASP A 291 4.51 -6.36 5.22
C ASP A 291 3.07 -5.82 5.11
N ASN A 292 2.24 -6.62 4.47
CA ASN A 292 0.77 -6.27 4.39
C ASN A 292 -0.02 -7.53 4.76
N HIS A 293 -1.31 -7.48 4.51
CA HIS A 293 -2.22 -8.59 4.77
C HIS A 293 -1.96 -9.79 3.88
N ASP A 294 -1.24 -9.63 2.78
CA ASP A 294 -0.88 -10.65 1.83
C ASP A 294 0.50 -11.23 2.17
N THR A 295 1.49 -10.40 2.26
CA THR A 295 2.82 -10.88 2.54
C THR A 295 3.09 -11.31 3.98
N GLY A 296 2.53 -10.63 4.94
CA GLY A 296 2.77 -10.90 6.35
C GLY A 296 1.81 -11.86 7.00
N TYR A 297 2.12 -12.08 8.26
CA TYR A 297 1.30 -12.88 9.17
C TYR A 297 0.15 -11.96 9.61
N SER A 298 -0.83 -12.54 10.24
CA SER A 298 -1.97 -11.82 10.85
C SER A 298 -2.33 -12.64 12.10
N PRO A 299 -2.77 -12.02 13.16
CA PRO A 299 -3.23 -12.78 14.35
C PRO A 299 -4.33 -13.72 13.87
N GLY A 300 -4.54 -14.83 14.56
CA GLY A 300 -5.65 -15.72 14.21
C GLY A 300 -5.37 -16.79 13.22
N GLN A 301 -6.44 -17.26 12.60
CA GLN A 301 -6.47 -18.36 11.64
C GLN A 301 -5.33 -18.46 10.65
N ASN A 302 -4.65 -19.61 10.74
CA ASN A 302 -3.53 -20.02 9.90
C ASN A 302 -2.35 -19.05 9.97
N GLY A 303 -2.35 -18.09 10.83
CA GLY A 303 -1.25 -17.11 10.94
C GLY A 303 -1.52 -16.17 9.75
N GLY A 304 -2.72 -16.22 9.20
CA GLY A 304 -3.04 -15.33 8.06
C GLY A 304 -2.49 -15.92 6.78
N GLN A 305 -2.09 -15.09 5.82
CA GLN A 305 -1.63 -15.57 4.53
C GLN A 305 -0.15 -15.84 4.46
N HIS A 306 0.60 -14.92 4.97
CA HIS A 306 2.05 -14.92 5.06
C HIS A 306 2.71 -15.44 3.81
N HIS A 307 2.39 -14.86 2.65
CA HIS A 307 3.00 -15.25 1.39
C HIS A 307 4.47 -14.87 1.24
N TRP A 308 4.93 -13.81 1.85
CA TRP A 308 6.30 -13.30 1.74
C TRP A 308 6.60 -12.42 2.94
N ALA A 309 6.62 -13.06 4.10
CA ALA A 309 6.82 -12.28 5.34
C ALA A 309 8.25 -12.05 5.74
N LEU A 310 8.46 -10.86 6.32
CA LEU A 310 9.79 -10.49 6.85
C LEU A 310 9.99 -11.17 8.20
N GLN A 311 11.07 -11.93 8.31
CA GLN A 311 11.45 -12.59 9.57
C GLN A 311 11.56 -11.57 10.71
N ASP A 312 11.25 -12.00 11.91
CA ASP A 312 11.23 -11.11 13.09
C ASP A 312 12.55 -10.43 13.35
N GLY A 313 13.63 -11.02 12.92
CA GLY A 313 14.95 -10.46 13.12
C GLY A 313 15.24 -9.20 12.33
N LEU A 314 14.46 -8.80 11.35
CA LEU A 314 14.64 -7.62 10.53
C LEU A 314 13.47 -6.62 10.67
N ILE A 315 12.50 -6.89 11.55
CA ILE A 315 11.35 -5.99 11.67
C ILE A 315 11.68 -4.57 12.10
N ARG A 316 12.42 -4.39 13.18
CA ARG A 316 12.82 -3.08 13.65
C ARG A 316 13.72 -2.42 12.62
N GLN A 317 14.68 -3.09 12.03
CA GLN A 317 15.54 -2.54 10.97
C GLN A 317 14.72 -2.02 9.79
N ALA A 318 13.76 -2.78 9.35
CA ALA A 318 12.87 -2.50 8.24
C ALA A 318 12.03 -1.26 8.51
N TYR A 319 11.46 -1.14 9.69
CA TYR A 319 10.66 0.06 10.01
C TYR A 319 11.54 1.30 10.14
N ALA A 320 12.74 1.11 10.70
CA ALA A 320 13.68 2.23 10.86
C ALA A 320 14.04 2.77 9.45
N TYR A 321 14.28 1.83 8.53
CA TYR A 321 14.58 2.21 7.16
C TYR A 321 13.41 2.94 6.51
N ILE A 322 12.23 2.38 6.37
CA ILE A 322 11.13 3.11 5.69
C ILE A 322 10.71 4.42 6.34
N LEU A 323 10.79 4.49 7.64
CA LEU A 323 10.35 5.67 8.41
C LEU A 323 11.33 6.81 8.33
N THR A 324 12.58 6.57 8.04
CA THR A 324 13.59 7.61 7.93
C THR A 324 13.97 7.92 6.48
N SER A 325 13.44 7.20 5.51
CA SER A 325 13.79 7.38 4.09
C SER A 325 12.72 7.99 3.21
N PRO A 326 13.14 8.33 1.98
CA PRO A 326 12.26 8.90 0.95
C PRO A 326 11.15 7.92 0.57
N GLY A 327 10.19 8.36 -0.24
CA GLY A 327 9.00 7.51 -0.56
C GLY A 327 7.99 7.88 0.55
N THR A 328 6.83 7.29 0.54
CA THR A 328 5.71 7.46 1.49
C THR A 328 5.56 6.13 2.21
N PRO A 329 5.82 6.09 3.52
CA PRO A 329 5.74 4.84 4.28
C PRO A 329 4.36 4.42 4.72
N VAL A 330 4.20 3.12 4.85
CA VAL A 330 3.00 2.44 5.34
C VAL A 330 3.39 1.48 6.47
N VAL A 331 2.64 1.58 7.55
CA VAL A 331 2.78 0.75 8.74
C VAL A 331 1.60 -0.25 8.75
N TYR A 332 1.91 -1.49 8.92
CA TYR A 332 0.95 -2.60 8.99
C TYR A 332 0.23 -2.64 10.31
N TRP A 333 -1.07 -2.72 10.34
CA TRP A 333 -1.80 -2.76 11.63
C TRP A 333 -1.13 -3.58 12.73
N ASP A 334 -0.86 -4.85 12.47
CA ASP A 334 -0.29 -5.75 13.48
C ASP A 334 1.01 -5.40 14.14
N HIS A 335 1.97 -4.94 13.38
CA HIS A 335 3.25 -4.56 13.96
C HIS A 335 2.96 -3.43 14.94
N MET A 336 2.12 -2.50 14.52
CA MET A 336 1.76 -1.35 15.36
C MET A 336 0.92 -1.63 16.60
N TYR A 337 -0.23 -2.28 16.41
CA TYR A 337 -1.19 -2.50 17.47
C TYR A 337 -1.31 -3.89 18.02
N ASP A 338 -0.78 -4.94 17.41
CA ASP A 338 -0.86 -6.28 17.93
C ASP A 338 0.46 -6.77 18.55
N TRP A 339 1.52 -6.63 17.80
CA TRP A 339 2.78 -7.20 18.17
C TRP A 339 3.71 -6.41 18.99
N GLY A 340 3.36 -5.29 19.51
CA GLY A 340 4.20 -4.49 20.36
C GLY A 340 5.35 -3.71 19.79
N TYR A 341 5.30 -3.36 18.51
CA TYR A 341 6.31 -2.56 17.87
C TYR A 341 5.84 -1.11 17.89
N GLY A 342 4.70 -0.84 18.47
CA GLY A 342 4.07 0.44 18.59
C GLY A 342 4.86 1.60 19.14
N ASP A 343 5.53 1.41 20.27
CA ASP A 343 6.32 2.49 20.88
C ASP A 343 7.54 2.79 20.01
N PHE A 344 8.12 1.79 19.43
CA PHE A 344 9.29 1.95 18.56
C PHE A 344 8.88 2.71 17.30
N ILE A 345 7.79 2.38 16.66
CA ILE A 345 7.27 3.05 15.45
C ILE A 345 6.89 4.49 15.79
N ARG A 346 6.24 4.75 16.91
CA ARG A 346 5.85 6.08 17.35
C ARG A 346 7.10 6.97 17.38
N GLN A 347 8.18 6.54 17.97
CA GLN A 347 9.45 7.29 18.02
C GLN A 347 9.95 7.63 16.60
N LEU A 348 10.02 6.64 15.72
CA LEU A 348 10.48 6.84 14.34
C LEU A 348 9.51 7.80 13.64
N ILE A 349 8.23 7.74 13.84
CA ILE A 349 7.32 8.71 13.20
C ILE A 349 7.70 10.13 13.65
N GLN A 350 7.99 10.34 14.92
CA GLN A 350 8.40 11.64 15.49
C GLN A 350 9.74 12.12 14.92
N VAL A 351 10.68 11.23 14.74
CA VAL A 351 11.99 11.54 14.14
C VAL A 351 11.82 11.99 12.69
N ARG A 352 10.99 11.33 11.90
CA ARG A 352 10.72 11.63 10.50
C ARG A 352 10.12 13.04 10.40
N ARG A 353 9.13 13.30 11.25
CA ARG A 353 8.48 14.63 11.20
C ARG A 353 9.33 15.79 11.64
N ALA A 354 10.15 15.58 12.63
CA ALA A 354 11.04 16.58 13.19
C ALA A 354 12.17 16.89 12.19
N ALA A 355 12.64 15.90 11.46
CA ALA A 355 13.72 16.09 10.49
C ALA A 355 13.15 16.64 9.17
N GLY A 356 11.86 16.55 8.96
CA GLY A 356 11.24 17.04 7.72
C GLY A 356 11.57 16.17 6.51
N VAL A 357 11.60 14.86 6.73
CA VAL A 357 11.86 13.89 5.66
C VAL A 357 10.57 13.75 4.87
N ARG A 358 10.63 13.74 3.55
CA ARG A 358 9.42 13.59 2.72
C ARG A 358 9.71 12.69 1.53
N ALA A 359 8.70 12.54 0.71
CA ALA A 359 8.76 11.67 -0.45
C ALA A 359 10.00 11.87 -1.28
N ASP A 360 10.43 13.09 -1.50
CA ASP A 360 11.59 13.35 -2.34
C ASP A 360 12.89 13.68 -1.63
N SER A 361 12.97 13.64 -0.33
CA SER A 361 14.23 13.98 0.36
C SER A 361 15.37 13.16 -0.25
N ALA A 362 16.57 13.68 -0.29
CA ALA A 362 17.73 12.96 -0.85
C ALA A 362 18.18 11.90 0.17
N ILE A 363 18.80 10.86 -0.38
CA ILE A 363 19.34 9.75 0.39
C ILE A 363 20.68 9.36 -0.23
N SER A 364 21.66 9.23 0.60
CA SER A 364 23.04 8.84 0.13
C SER A 364 23.48 7.63 0.90
N PHE A 365 23.99 6.60 0.28
CA PHE A 365 24.39 5.37 0.97
C PHE A 365 25.90 5.30 1.12
N HIS A 366 26.40 4.94 2.28
CA HIS A 366 27.87 4.86 2.54
C HIS A 366 28.28 3.40 2.52
N SER A 367 29.34 3.15 1.79
CA SER A 367 29.85 1.79 1.62
C SER A 367 31.06 1.36 2.41
N GLY A 368 31.68 2.20 3.26
CA GLY A 368 32.86 1.61 3.98
C GLY A 368 32.53 0.78 5.21
N TYR A 369 31.26 0.59 5.57
CA TYR A 369 30.81 -0.12 6.75
C TYR A 369 29.91 -1.27 6.41
N SER A 370 29.73 -2.09 7.44
CA SER A 370 28.82 -3.25 7.24
C SER A 370 27.41 -2.71 7.48
N GLY A 371 26.44 -3.47 7.04
CA GLY A 371 25.02 -3.15 7.18
C GLY A 371 24.61 -2.11 6.14
N LEU A 372 23.73 -1.23 6.55
CA LEU A 372 23.20 -0.18 5.68
C LEU A 372 23.49 1.14 6.40
N VAL A 373 24.26 1.98 5.75
CA VAL A 373 24.59 3.29 6.34
C VAL A 373 24.08 4.34 5.35
N ALA A 374 23.20 5.21 5.81
CA ALA A 374 22.64 6.22 4.90
C ALA A 374 22.52 7.61 5.50
N THR A 375 22.67 8.61 4.64
CA THR A 375 22.54 10.00 5.01
C THR A 375 21.24 10.48 4.32
N VAL A 376 20.32 10.97 5.13
CA VAL A 376 19.02 11.43 4.65
C VAL A 376 18.93 12.93 4.98
N SER A 377 18.74 13.68 3.88
CA SER A 377 18.66 15.14 3.94
C SER A 377 17.22 15.56 4.11
N GLY A 378 16.80 15.75 5.36
CA GLY A 378 15.39 16.16 5.59
C GLY A 378 15.37 17.68 5.38
N SER A 379 14.19 18.24 5.20
CA SER A 379 14.06 19.69 5.00
C SER A 379 14.39 20.41 6.29
N GLN A 380 14.29 19.74 7.43
CA GLN A 380 14.62 20.38 8.71
C GLN A 380 15.94 19.84 9.28
N GLN A 381 16.23 18.58 9.15
CA GLN A 381 17.50 18.08 9.74
C GLN A 381 18.07 17.01 8.84
N THR A 382 19.33 16.76 9.06
CA THR A 382 20.00 15.65 8.35
C THR A 382 19.98 14.43 9.28
N LEU A 383 19.71 13.22 8.76
CA LEU A 383 19.75 12.02 9.61
C LEU A 383 20.87 11.11 9.08
N VAL A 384 21.53 10.44 9.98
CA VAL A 384 22.51 9.40 9.68
C VAL A 384 21.78 8.12 10.20
N VAL A 385 21.56 7.11 9.42
CA VAL A 385 20.84 5.89 9.81
C VAL A 385 21.81 4.71 9.75
N ALA A 386 22.05 3.93 10.78
CA ALA A 386 23.04 2.80 10.71
C ALA A 386 22.31 1.53 11.12
N LEU A 387 22.17 0.58 10.21
CA LEU A 387 21.40 -0.65 10.51
C LEU A 387 22.34 -1.84 10.35
N ASN A 388 22.42 -2.65 11.37
CA ASN A 388 23.22 -3.87 11.49
C ASN A 388 24.65 -3.54 11.07
N SER A 389 25.07 -2.39 11.52
CA SER A 389 26.37 -1.85 11.14
C SER A 389 27.44 -1.73 12.18
N ASP A 390 28.65 -1.79 11.64
CA ASP A 390 29.86 -1.61 12.46
C ASP A 390 30.21 -0.11 12.57
N LEU A 391 29.45 0.80 11.99
CA LEU A 391 29.72 2.25 12.12
C LEU A 391 29.83 2.62 13.59
N GLY A 392 30.83 3.39 13.93
CA GLY A 392 31.04 3.90 15.28
C GLY A 392 30.27 5.16 15.63
N ASN A 393 30.35 6.23 14.87
CA ASN A 393 29.60 7.49 15.22
C ASN A 393 29.29 8.16 13.89
N PRO A 394 28.33 9.07 13.90
CA PRO A 394 27.90 9.75 12.68
C PRO A 394 28.97 10.58 11.99
N GLY A 395 29.90 11.14 12.69
CA GLY A 395 30.98 11.96 12.14
C GLY A 395 31.90 11.19 11.20
N GLN A 396 31.84 9.86 11.23
CA GLN A 396 32.76 9.16 10.32
C GLN A 396 32.26 9.20 8.88
N VAL A 397 30.97 9.49 8.76
CA VAL A 397 30.27 9.43 7.46
C VAL A 397 29.53 10.67 7.06
N ALA A 398 29.35 11.62 7.95
CA ALA A 398 28.67 12.87 7.66
C ALA A 398 29.38 14.03 8.37
N SER A 399 29.26 15.17 7.70
CA SER A 399 29.80 16.46 8.17
C SER A 399 28.72 17.09 9.01
N GLY A 400 29.06 17.71 10.10
CA GLY A 400 28.10 18.39 10.99
C GLY A 400 28.18 17.75 12.39
N SER A 401 27.29 18.28 13.20
CA SER A 401 27.20 17.80 14.62
C SER A 401 25.86 17.12 14.83
N PHE A 402 25.93 15.87 15.31
CA PHE A 402 24.80 14.99 15.50
C PHE A 402 24.50 14.58 16.92
N SER A 403 23.23 14.36 17.20
CA SER A 403 22.75 13.86 18.49
C SER A 403 22.08 12.51 18.25
N GLU A 404 22.05 11.66 19.25
CA GLU A 404 21.36 10.38 19.07
C GLU A 404 19.84 10.62 19.09
N ALA A 405 19.16 10.00 18.16
CA ALA A 405 17.69 10.13 18.13
C ALA A 405 17.09 8.79 18.50
N VAL A 406 17.62 7.70 18.01
CA VAL A 406 17.19 6.35 18.23
C VAL A 406 18.40 5.42 18.40
N ASN A 407 18.26 4.56 19.39
CA ASN A 407 19.25 3.52 19.68
C ASN A 407 18.48 2.28 20.13
N ALA A 408 18.16 1.36 19.26
CA ALA A 408 17.38 0.19 19.65
C ALA A 408 18.02 -1.09 19.19
N SER A 409 17.31 -2.15 19.53
CA SER A 409 17.70 -3.51 19.14
C SER A 409 19.17 -3.79 19.32
N ASN A 410 19.69 -3.48 20.50
CA ASN A 410 21.08 -3.76 20.84
C ASN A 410 22.06 -3.10 19.88
N GLY A 411 21.77 -1.87 19.50
CA GLY A 411 22.64 -1.11 18.62
C GLY A 411 22.50 -1.46 17.18
N GLN A 412 21.52 -2.32 16.88
CA GLN A 412 21.36 -2.68 15.45
C GLN A 412 20.59 -1.60 14.70
N VAL A 413 19.84 -0.82 15.42
CA VAL A 413 19.11 0.30 14.89
C VAL A 413 19.65 1.57 15.58
N ARG A 414 20.37 2.39 14.86
CA ARG A 414 20.93 3.67 15.38
C ARG A 414 20.57 4.81 14.45
N VAL A 415 20.03 5.89 14.95
CA VAL A 415 19.64 7.05 14.19
C VAL A 415 20.14 8.30 14.94
N TRP A 416 20.77 9.18 14.21
CA TRP A 416 21.32 10.45 14.67
C TRP A 416 20.77 11.58 13.78
N ARG A 417 20.65 12.72 14.41
CA ARG A 417 20.10 13.88 13.69
C ARG A 417 21.04 15.04 13.96
N SER A 418 21.19 15.93 13.02
CA SER A 418 22.11 17.08 13.11
C SER A 418 21.74 18.06 14.22
C1 GLC B . -5.64 -7.63 -3.86
C2 GLC B . -5.32 -8.06 -2.48
C3 GLC B . -5.33 -9.57 -2.26
C4 GLC B . -6.47 -10.18 -3.08
C5 GLC B . -6.18 -9.96 -4.58
C6 GLC B . -7.21 -10.46 -5.56
O1 GLC B . -4.95 -6.57 -4.34
O2 GLC B . -4.26 -7.46 -1.81
O3 GLC B . -5.51 -9.77 -0.85
O4 GLC B . -6.48 -11.54 -2.80
O5 GLC B . -5.96 -8.59 -4.84
O6 GLC B . -8.45 -9.77 -5.30
C1 GLC B . -7.11 -12.18 -1.75
C2 GLC B . -6.45 -13.47 -1.44
C3 GLC B . -6.81 -14.53 -2.48
C4 GLC B . -8.32 -14.60 -2.60
C5 GLC B . -8.90 -13.26 -3.01
C6 GLC B . -10.41 -13.21 -3.06
O2 GLC B . -5.03 -13.42 -1.39
O3 GLC B . -6.23 -15.74 -2.04
O4 GLC B . -8.66 -15.64 -3.44
O5 GLC B . -8.50 -12.33 -2.00
O6 GLC B . -11.01 -13.53 -1.81
C1 GLC B . -9.49 -16.71 -3.01
C2 GLC B . -9.08 -18.07 -3.42
C3 GLC B . -9.34 -18.30 -4.90
C4 GLC B . -10.81 -18.00 -5.16
C5 GLC B . -11.20 -16.58 -4.72
C6 GLC B . -12.66 -16.27 -4.81
O2 GLC B . -7.70 -18.33 -3.19
O3 GLC B . -8.96 -19.65 -5.13
O4 GLC B . -10.99 -18.13 -6.55
O5 GLC B . -10.87 -16.49 -3.34
O6 GLC B . -13.34 -16.92 -3.72
C1 GLC B . -12.12 -18.82 -7.05
C2 GLC B . -11.83 -20.09 -7.81
C3 GLC B . -11.11 -19.83 -9.12
C4 GLC B . -11.91 -18.85 -9.95
C5 GLC B . -12.09 -17.58 -9.12
C6 GLC B . -12.94 -16.53 -9.77
O2 GLC B . -11.03 -20.93 -6.98
O3 GLC B . -10.80 -21.02 -9.78
O4 GLC B . -11.18 -18.48 -11.10
O5 GLC B . -12.79 -17.91 -7.90
O6 GLC B . -14.28 -17.00 -9.79
CA CA C . -8.52 -8.25 -15.66
CA CA D . -0.36 15.52 2.03
#